data_5YYU
#
_entry.id   5YYU
#
_cell.length_a   63.993
_cell.length_b   84.739
_cell.length_c   84.862
_cell.angle_alpha   90.00
_cell.angle_beta   90.00
_cell.angle_gamma   90.00
#
_symmetry.space_group_name_H-M   'P 21 21 21'
#
loop_
_entity.id
_entity.type
_entity.pdbx_description
1 polymer 'Single-stranded DNA-binding protein'
2 water water
#
_entity_poly.entity_id   1
_entity_poly.type   'polypeptide(L)'
_entity_poly.pdbx_seq_one_letter_code
;MLNRVVLVGRLTKDPELRSTPNGVNVGTFTLAVNRTFTNAQGEREADFINVVVFKKQAENVKNYLSKGSLAGVDGRLQTR
NYENKDGQRVFVTEVVADSVQFLEPKHHHHHH
;
_entity_poly.pdbx_strand_id   A,B,C,D
#
# COMPACT_ATOMS: atom_id res chain seq x y z
N MET A 1 15.04 -2.55 2.47
CA MET A 1 14.28 -2.09 1.32
C MET A 1 12.76 -2.29 1.53
N LEU A 2 11.95 -1.44 0.90
CA LEU A 2 10.51 -1.48 1.10
C LEU A 2 9.93 -2.73 0.46
N ASN A 3 9.04 -3.40 1.20
CA ASN A 3 8.40 -4.64 0.78
C ASN A 3 7.03 -4.64 1.44
N ARG A 4 5.98 -4.38 0.68
CA ARG A 4 4.67 -4.18 1.29
C ARG A 4 3.53 -4.75 0.45
N VAL A 5 2.61 -5.46 1.12
CA VAL A 5 1.44 -6.12 0.51
C VAL A 5 0.20 -5.88 1.34
N VAL A 6 -0.86 -5.42 0.71
CA VAL A 6 -2.17 -5.31 1.33
C VAL A 6 -3.16 -6.07 0.48
N LEU A 7 -3.86 -7.04 1.08
CA LEU A 7 -4.84 -7.86 0.39
C LEU A 7 -6.11 -7.96 1.23
N VAL A 8 -7.22 -8.07 0.51
CA VAL A 8 -8.51 -8.47 1.07
C VAL A 8 -9.00 -9.64 0.25
N GLY A 9 -9.47 -10.69 0.92
CA GLY A 9 -10.05 -11.82 0.22
C GLY A 9 -10.82 -12.71 1.17
N ARG A 10 -11.20 -13.89 0.65
CA ARG A 10 -11.88 -14.90 1.44
C ARG A 10 -10.99 -16.13 1.52
N LEU A 11 -10.91 -16.73 2.70
CA LEU A 11 -10.08 -17.90 2.87
C LEU A 11 -10.58 -19.01 1.98
N THR A 12 -9.64 -19.72 1.36
CA THR A 12 -10.01 -20.87 0.55
C THR A 12 -10.41 -22.05 1.42
N LYS A 13 -9.79 -22.17 2.59
CA LYS A 13 -10.07 -23.27 3.51
C LYS A 13 -10.03 -22.73 4.93
N ASP A 14 -10.26 -23.63 5.90
CA ASP A 14 -10.11 -23.20 7.27
C ASP A 14 -8.64 -23.08 7.65
N PRO A 15 -8.32 -22.18 8.58
CA PRO A 15 -6.91 -21.91 8.90
C PRO A 15 -6.28 -23.06 9.67
N GLU A 16 -4.95 -23.16 9.54
CA GLU A 16 -4.15 -24.15 10.25
C GLU A 16 -3.29 -23.52 11.33
N LEU A 17 -3.24 -24.18 12.49
CA LEU A 17 -2.31 -23.85 13.56
C LEU A 17 -1.33 -25.00 13.77
N ARG A 18 -0.13 -24.62 14.15
CA ARG A 18 1.00 -25.53 14.30
C ARG A 18 1.95 -24.81 15.24
N SER A 19 2.82 -25.56 15.90
CA SER A 19 3.80 -24.98 16.81
C SER A 19 5.16 -25.55 16.48
N THR A 20 6.10 -24.65 16.16
CA THR A 20 7.44 -24.91 15.64
C THR A 20 8.30 -25.70 16.63
N PRO A 21 9.57 -26.04 16.27
CA PRO A 21 10.47 -26.70 17.25
C PRO A 21 10.64 -25.94 18.56
N ASN A 22 10.35 -24.65 18.56
CA ASN A 22 10.61 -23.81 19.73
C ASN A 22 9.39 -23.61 20.60
N GLY A 23 8.17 -23.76 20.05
CA GLY A 23 6.93 -23.54 20.77
C GLY A 23 5.99 -22.55 20.11
N VAL A 24 6.49 -21.64 19.25
CA VAL A 24 5.69 -20.56 18.70
C VAL A 24 4.68 -21.09 17.67
N ASN A 25 3.46 -20.58 17.73
CA ASN A 25 2.38 -21.04 16.86
C ASN A 25 2.45 -20.29 15.53
N VAL A 26 2.32 -21.04 14.44
CA VAL A 26 2.36 -20.48 13.09
C VAL A 26 1.04 -20.80 12.43
N GLY A 27 0.37 -19.76 11.95
CA GLY A 27 -0.91 -19.88 11.30
C GLY A 27 -0.78 -19.83 9.78
N THR A 28 -1.64 -20.59 9.11
CA THR A 28 -1.53 -20.79 7.68
C THR A 28 -2.92 -20.75 7.07
N PHE A 29 -3.05 -20.02 5.97
CA PHE A 29 -4.24 -20.00 5.14
C PHE A 29 -3.88 -19.28 3.85
N THR A 30 -4.72 -19.47 2.84
CA THR A 30 -4.52 -18.87 1.54
C THR A 30 -5.79 -18.14 1.14
N LEU A 31 -5.63 -16.98 0.53
CA LEU A 31 -6.72 -16.04 0.27
C LEU A 31 -7.09 -15.98 -1.21
N ALA A 32 -8.39 -15.99 -1.50
CA ALA A 32 -8.89 -15.78 -2.85
C ALA A 32 -9.36 -14.32 -2.99
N VAL A 33 -8.58 -13.53 -3.74
CA VAL A 33 -8.83 -12.09 -3.92
C VAL A 33 -9.13 -11.86 -5.40
N ASN A 34 -10.42 -11.71 -5.69
CA ASN A 34 -10.87 -11.61 -7.07
C ASN A 34 -10.33 -10.35 -7.74
N ARG A 35 -10.05 -10.47 -9.03
CA ARG A 35 -9.53 -9.36 -9.79
C ARG A 35 -10.60 -8.28 -9.99
N THR A 36 -10.15 -7.08 -10.33
CA THR A 36 -11.01 -5.93 -10.54
C THR A 36 -11.43 -5.78 -11.98
N PHE A 37 -10.82 -6.55 -12.89
CA PHE A 37 -11.04 -6.50 -14.32
C PHE A 37 -11.62 -7.84 -14.76
N THR A 38 -11.78 -8.02 -16.05
CA THR A 38 -12.45 -9.19 -16.53
C THR A 38 -11.60 -9.88 -17.59
N ASN A 39 -11.86 -11.17 -17.78
CA ASN A 39 -11.12 -11.93 -18.77
C ASN A 39 -11.82 -11.86 -20.11
N ALA A 40 -11.20 -12.46 -21.13
CA ALA A 40 -11.75 -12.45 -22.48
C ALA A 40 -13.10 -13.14 -22.52
N GLN A 41 -13.48 -13.80 -21.42
CA GLN A 41 -14.69 -14.59 -21.33
C GLN A 41 -15.75 -13.93 -20.46
N GLY A 42 -15.52 -12.67 -20.07
CA GLY A 42 -16.52 -11.80 -19.46
C GLY A 42 -16.83 -11.94 -17.98
N GLU A 43 -16.07 -12.72 -17.19
CA GLU A 43 -16.32 -12.83 -15.75
C GLU A 43 -15.01 -12.83 -14.97
N ARG A 44 -15.11 -12.90 -13.64
CA ARG A 44 -14.03 -12.48 -12.73
C ARG A 44 -13.29 -13.66 -12.11
N GLU A 45 -11.97 -13.71 -12.33
CA GLU A 45 -11.03 -14.68 -11.76
C GLU A 45 -10.31 -14.11 -10.53
N ALA A 46 -9.67 -14.99 -9.78
CA ALA A 46 -9.02 -14.63 -8.53
C ALA A 46 -7.57 -15.10 -8.53
N ASP A 47 -6.85 -14.66 -7.52
CA ASP A 47 -5.46 -15.04 -7.30
C ASP A 47 -5.36 -15.60 -5.89
N PHE A 48 -4.53 -16.65 -5.70
CA PHE A 48 -4.53 -17.46 -4.48
C PHE A 48 -3.21 -17.32 -3.74
N ILE A 49 -3.23 -16.52 -2.67
CA ILE A 49 -2.05 -16.01 -2.00
C ILE A 49 -1.95 -16.67 -0.64
N ASN A 50 -0.79 -17.28 -0.37
CA ASN A 50 -0.55 -17.90 0.92
C ASN A 50 -0.18 -16.83 1.94
N VAL A 51 -0.71 -16.95 3.14
CA VAL A 51 -0.47 -16.00 4.23
C VAL A 51 0.05 -16.73 5.45
N VAL A 52 1.02 -16.13 6.15
CA VAL A 52 1.61 -16.69 7.38
C VAL A 52 1.47 -15.68 8.51
N VAL A 53 0.98 -16.14 9.66
CA VAL A 53 0.85 -15.37 10.90
C VAL A 53 1.50 -16.14 12.03
N PHE A 54 1.81 -15.42 13.10
CA PHE A 54 2.53 -15.96 14.25
C PHE A 54 1.85 -15.57 15.55
N LYS A 55 2.26 -16.25 16.63
CA LYS A 55 1.96 -15.86 18.01
C LYS A 55 0.45 -15.74 18.19
N LYS A 56 -0.02 -14.80 19.01
CA LYS A 56 -1.44 -14.74 19.33
C LYS A 56 -2.30 -14.42 18.11
N GLN A 57 -1.78 -13.64 17.16
CA GLN A 57 -2.55 -13.38 15.94
C GLN A 57 -2.92 -14.68 15.23
N ALA A 58 -1.99 -15.64 15.18
CA ALA A 58 -2.30 -16.91 14.54
C ALA A 58 -3.35 -17.68 15.32
N GLU A 59 -3.36 -17.56 16.65
CA GLU A 59 -4.43 -18.20 17.42
C GLU A 59 -5.78 -17.68 17.02
N ASN A 60 -5.94 -16.36 16.96
CA ASN A 60 -7.25 -15.78 16.70
C ASN A 60 -7.77 -16.21 15.33
N VAL A 61 -6.90 -16.26 14.32
CA VAL A 61 -7.40 -16.66 13.02
C VAL A 61 -7.83 -18.12 13.06
N LYS A 62 -7.20 -18.95 13.89
CA LYS A 62 -7.69 -20.33 13.99
C LYS A 62 -9.01 -20.39 14.72
N ASN A 63 -9.21 -19.53 15.70
CA ASN A 63 -10.43 -19.58 16.50
C ASN A 63 -11.57 -18.77 15.88
N TYR A 64 -11.29 -17.83 14.98
CA TYR A 64 -12.34 -16.96 14.46
C TYR A 64 -12.66 -17.19 12.98
N LEU A 65 -11.68 -17.53 12.15
CA LEU A 65 -11.84 -17.56 10.70
C LEU A 65 -12.08 -18.98 10.20
N SER A 66 -12.91 -19.08 9.16
CA SER A 66 -13.24 -20.36 8.51
C SER A 66 -13.27 -20.18 7.01
N LYS A 67 -13.50 -21.30 6.31
CA LYS A 67 -13.69 -21.32 4.86
C LYS A 67 -14.67 -20.24 4.45
N GLY A 68 -14.23 -19.35 3.58
CA GLY A 68 -15.10 -18.30 3.09
C GLY A 68 -15.05 -17.00 3.86
N SER A 69 -14.42 -16.96 5.04
CA SER A 69 -14.37 -15.72 5.80
C SER A 69 -13.64 -14.67 5.01
N LEU A 70 -14.24 -13.49 4.91
CA LEU A 70 -13.58 -12.36 4.27
C LEU A 70 -12.64 -11.71 5.28
N ALA A 71 -11.37 -11.58 4.89
CA ALA A 71 -10.32 -11.08 5.77
C ALA A 71 -9.39 -10.15 4.99
N GLY A 72 -8.82 -9.19 5.71
CA GLY A 72 -7.84 -8.28 5.15
C GLY A 72 -6.47 -8.55 5.75
N VAL A 73 -5.44 -8.47 4.91
CA VAL A 73 -4.11 -8.91 5.32
C VAL A 73 -3.11 -7.80 5.03
N ASP A 74 -2.26 -7.52 5.99
CA ASP A 74 -1.22 -6.51 5.85
C ASP A 74 0.09 -7.10 6.33
N GLY A 75 1.11 -7.06 5.47
CA GLY A 75 2.37 -7.64 5.80
C GLY A 75 3.36 -7.44 4.69
N ARG A 76 4.36 -8.30 4.68
CA ARG A 76 5.46 -8.26 3.73
C ARG A 76 5.46 -9.56 2.93
N LEU A 77 6.04 -9.49 1.74
CA LEU A 77 6.05 -10.59 0.79
C LEU A 77 7.35 -11.38 0.89
N GLN A 78 7.25 -12.70 1.10
CA GLN A 78 8.43 -13.54 1.27
C GLN A 78 8.56 -14.64 0.22
N THR A 79 9.81 -14.91 -0.19
CA THR A 79 10.14 -16.01 -1.09
C THR A 79 11.21 -16.89 -0.46
N ARG A 80 11.02 -18.21 -0.53
CA ARG A 80 12.01 -19.19 -0.13
C ARG A 80 11.89 -20.38 -1.08
N ASN A 81 12.71 -21.40 -0.84
CA ASN A 81 12.70 -22.58 -1.69
C ASN A 81 13.36 -23.75 -0.98
N TYR A 82 12.69 -24.90 -1.01
CA TYR A 82 13.17 -26.11 -0.34
C TYR A 82 12.67 -27.33 -1.13
N GLU A 83 13.05 -28.55 -0.70
CA GLU A 83 12.52 -29.80 -1.29
C GLU A 83 11.87 -30.83 -0.35
N ASN A 84 11.94 -32.10 -0.74
CA ASN A 84 11.06 -33.15 -0.21
C ASN A 84 11.63 -34.51 -0.57
N LYS A 85 10.75 -35.52 -0.75
CA LYS A 85 11.23 -36.84 -1.15
C LYS A 85 11.88 -36.67 -2.51
N ASP A 86 11.09 -36.38 -3.55
CA ASP A 86 11.66 -36.16 -4.88
C ASP A 86 12.56 -34.93 -4.71
N GLY A 87 13.74 -35.12 -4.09
CA GLY A 87 14.63 -34.06 -3.64
C GLY A 87 14.86 -32.85 -4.53
N GLN A 88 13.89 -32.55 -5.37
CA GLN A 88 13.91 -31.43 -6.30
C GLN A 88 12.82 -30.44 -5.89
N ARG A 89 12.99 -29.22 -6.41
CA ARG A 89 12.59 -28.02 -5.68
C ARG A 89 11.17 -27.50 -5.79
N VAL A 90 10.72 -27.00 -4.63
CA VAL A 90 9.44 -26.40 -4.35
C VAL A 90 9.72 -24.89 -4.19
N PHE A 91 9.05 -24.06 -4.99
CA PHE A 91 9.22 -22.60 -4.94
C PHE A 91 7.99 -22.00 -4.29
N VAL A 92 8.12 -21.44 -3.08
CA VAL A 92 6.96 -20.92 -2.37
C VAL A 92 7.07 -19.41 -2.24
N THR A 93 5.93 -18.74 -2.42
CA THR A 93 5.77 -17.31 -2.22
C THR A 93 4.57 -17.08 -1.32
N GLU A 94 4.74 -16.22 -0.31
CA GLU A 94 3.70 -16.00 0.68
C GLU A 94 3.88 -14.63 1.32
N VAL A 95 2.81 -14.20 1.97
CA VAL A 95 2.77 -12.97 2.74
C VAL A 95 2.86 -13.33 4.21
N VAL A 96 3.83 -12.79 4.92
CA VAL A 96 3.86 -12.90 6.37
C VAL A 96 3.21 -11.65 6.97
N ALA A 97 2.08 -11.84 7.65
CA ALA A 97 1.18 -10.74 7.99
C ALA A 97 1.60 -10.00 9.25
N ASP A 98 1.75 -8.67 9.15
CA ASP A 98 1.89 -7.91 10.37
C ASP A 98 0.55 -7.75 11.06
N SER A 99 -0.56 -7.73 10.31
CA SER A 99 -1.87 -7.59 10.94
C SER A 99 -2.98 -8.11 10.02
N VAL A 100 -3.90 -8.88 10.61
CA VAL A 100 -5.08 -9.44 9.93
C VAL A 100 -6.31 -8.75 10.52
N GLN A 101 -7.29 -8.45 9.69
CA GLN A 101 -8.52 -7.86 10.16
C GLN A 101 -9.69 -8.74 9.71
N PHE A 102 -10.48 -9.23 10.67
CA PHE A 102 -11.62 -10.07 10.30
C PHE A 102 -12.78 -9.18 9.87
N LEU A 103 -13.14 -9.29 8.59
CA LEU A 103 -14.08 -8.38 8.00
C LEU A 103 -15.51 -8.87 8.06
N GLU A 104 -15.75 -9.99 8.71
CA GLU A 104 -17.11 -10.53 8.86
C GLU A 104 -17.36 -10.88 10.31
N PRO A 105 -18.63 -11.11 10.66
CA PRO A 105 -18.93 -11.47 12.06
C PRO A 105 -18.68 -12.94 12.31
N LYS A 106 -18.43 -13.24 13.60
CA LYS A 106 -18.47 -14.59 14.17
C LYS A 106 -18.53 -14.58 15.72
N MET B 1 8.00 8.46 -8.72
CA MET B 1 8.23 8.12 -7.33
C MET B 1 7.03 7.40 -6.73
N LEU B 2 7.29 6.48 -5.81
CA LEU B 2 6.22 5.67 -5.24
C LEU B 2 5.30 6.50 -4.37
N ASN B 3 4.00 6.26 -4.53
CA ASN B 3 2.98 6.90 -3.73
C ASN B 3 1.78 5.97 -3.74
N ARG B 4 1.57 5.26 -2.63
CA ARG B 4 0.51 4.27 -2.51
C ARG B 4 -0.10 4.30 -1.13
N VAL B 5 -1.42 4.20 -1.09
CA VAL B 5 -2.19 4.20 0.15
C VAL B 5 -3.29 3.15 0.00
N VAL B 6 -3.39 2.24 0.95
CA VAL B 6 -4.51 1.31 1.02
C VAL B 6 -5.12 1.36 2.41
N LEU B 7 -6.42 1.53 2.48
CA LEU B 7 -7.17 1.59 3.74
C LEU B 7 -8.40 0.70 3.64
N VAL B 8 -8.85 0.20 4.79
CA VAL B 8 -10.20 -0.33 4.95
C VAL B 8 -10.86 0.40 6.13
N GLY B 9 -12.08 0.88 5.94
CA GLY B 9 -12.79 1.59 6.97
C GLY B 9 -14.26 1.71 6.66
N ARG B 10 -14.95 2.54 7.44
CA ARG B 10 -16.37 2.82 7.25
C ARG B 10 -16.61 4.31 7.03
N LEU B 11 -17.54 4.63 6.13
CA LEU B 11 -17.86 6.02 5.82
C LEU B 11 -18.44 6.71 7.06
N THR B 12 -17.95 7.92 7.37
CA THR B 12 -18.50 8.62 8.52
C THR B 12 -19.87 9.22 8.22
N LYS B 13 -20.08 9.65 6.98
CA LYS B 13 -21.31 10.27 6.52
C LYS B 13 -21.58 9.74 5.12
N ASP B 14 -22.68 10.20 4.52
CA ASP B 14 -22.98 9.83 3.15
C ASP B 14 -22.08 10.59 2.19
N PRO B 15 -21.78 9.99 1.04
CA PRO B 15 -20.87 10.62 0.08
C PRO B 15 -21.56 11.74 -0.68
N GLU B 16 -20.75 12.69 -1.14
CA GLU B 16 -21.25 13.80 -1.92
C GLU B 16 -20.71 13.68 -3.34
N LEU B 17 -21.55 13.93 -4.33
CA LEU B 17 -21.14 13.96 -5.72
C LEU B 17 -21.32 15.36 -6.29
N ARG B 18 -20.50 15.71 -7.27
CA ARG B 18 -20.43 17.05 -7.84
C ARG B 18 -19.88 16.98 -9.26
N SER B 19 -20.06 18.09 -9.97
CA SER B 19 -19.57 18.29 -11.32
C SER B 19 -18.80 19.60 -11.29
N THR B 20 -17.50 19.52 -11.61
CA THR B 20 -16.60 20.65 -11.74
C THR B 20 -17.19 21.61 -12.78
N PRO B 21 -16.68 22.88 -12.90
CA PRO B 21 -17.20 23.79 -13.96
C PRO B 21 -17.13 23.17 -15.34
N ASN B 22 -16.34 22.10 -15.45
CA ASN B 22 -16.07 21.41 -16.69
C ASN B 22 -16.89 20.13 -16.87
N GLY B 23 -17.69 19.74 -15.87
CA GLY B 23 -18.69 18.71 -16.05
C GLY B 23 -18.24 17.28 -15.84
N VAL B 24 -17.12 17.07 -15.16
CA VAL B 24 -16.71 15.74 -14.73
C VAL B 24 -17.09 15.55 -13.28
N ASN B 25 -17.34 14.30 -12.90
CA ASN B 25 -17.83 13.98 -11.56
C ASN B 25 -16.68 13.86 -10.55
N VAL B 26 -16.85 14.49 -9.38
CA VAL B 26 -15.90 14.36 -8.28
C VAL B 26 -16.67 13.88 -7.06
N GLY B 27 -16.30 12.72 -6.54
CA GLY B 27 -16.92 12.16 -5.36
C GLY B 27 -16.05 12.30 -4.13
N THR B 28 -16.70 12.56 -2.99
CA THR B 28 -16.00 12.85 -1.74
C THR B 28 -16.71 12.12 -0.62
N PHE B 29 -15.91 11.57 0.29
CA PHE B 29 -16.38 10.95 1.53
C PHE B 29 -15.20 10.88 2.48
N THR B 30 -15.49 10.54 3.74
CA THR B 30 -14.47 10.45 4.78
C THR B 30 -14.49 9.05 5.39
N LEU B 31 -13.32 8.44 5.53
CA LEU B 31 -13.22 7.05 5.96
C LEU B 31 -12.61 6.97 7.36
N ALA B 32 -13.29 6.27 8.27
CA ALA B 32 -12.85 6.08 9.64
C ALA B 32 -12.19 4.71 9.79
N VAL B 33 -10.90 4.71 10.09
CA VAL B 33 -10.09 3.50 10.16
C VAL B 33 -9.66 3.32 11.62
N ASN B 34 -10.31 2.39 12.33
CA ASN B 34 -9.90 2.16 13.71
C ASN B 34 -8.46 1.66 13.70
N ARG B 35 -7.72 2.09 14.71
CA ARG B 35 -6.33 1.70 14.84
C ARG B 35 -6.24 0.26 15.33
N THR B 36 -5.05 -0.31 15.21
CA THR B 36 -4.83 -1.69 15.58
C THR B 36 -4.30 -1.85 16.99
N PHE B 37 -3.92 -0.75 17.64
CA PHE B 37 -3.38 -0.70 18.99
C PHE B 37 -4.30 0.17 19.86
N THR B 38 -3.90 0.37 21.11
CA THR B 38 -4.72 1.10 22.06
C THR B 38 -3.90 2.21 22.71
N ASN B 39 -4.60 3.17 23.31
CA ASN B 39 -3.93 4.34 23.86
C ASN B 39 -3.55 4.06 25.31
N ALA B 40 -3.12 5.10 26.02
CA ALA B 40 -2.63 4.93 27.38
C ALA B 40 -3.66 4.37 28.35
N GLN B 41 -4.96 4.43 28.04
CA GLN B 41 -5.97 3.88 28.93
C GLN B 41 -6.72 2.73 28.30
N GLY B 42 -6.18 2.14 27.24
CA GLY B 42 -6.80 0.97 26.69
C GLY B 42 -7.93 1.25 25.73
N GLU B 43 -7.97 2.45 25.16
CA GLU B 43 -8.98 2.82 24.18
C GLU B 43 -8.40 2.64 22.78
N ARG B 44 -9.27 2.27 21.84
CA ARG B 44 -8.90 2.10 20.44
C ARG B 44 -9.54 3.27 19.69
N GLU B 45 -8.71 4.20 19.22
CA GLU B 45 -9.14 5.43 18.58
C GLU B 45 -9.13 5.27 17.08
N ALA B 46 -9.71 6.26 16.38
CA ALA B 46 -9.89 6.16 14.94
C ALA B 46 -9.21 7.30 14.23
N ASP B 47 -9.08 7.16 12.92
CA ASP B 47 -8.52 8.21 12.07
C ASP B 47 -9.54 8.47 10.97
N PHE B 48 -9.72 9.74 10.63
CA PHE B 48 -10.82 10.17 9.77
C PHE B 48 -10.25 10.82 8.52
N ILE B 49 -10.25 10.07 7.41
CA ILE B 49 -9.43 10.33 6.23
C ILE B 49 -10.33 10.76 5.06
N ASN B 50 -10.05 11.94 4.49
CA ASN B 50 -10.85 12.41 3.35
C ASN B 50 -10.38 11.71 2.10
N VAL B 51 -11.33 11.16 1.33
CA VAL B 51 -11.04 10.39 0.13
C VAL B 51 -11.76 11.08 -1.03
N VAL B 52 -11.12 11.10 -2.21
CA VAL B 52 -11.67 11.71 -3.43
C VAL B 52 -11.67 10.71 -4.58
N VAL B 53 -12.78 10.67 -5.33
CA VAL B 53 -12.89 9.87 -6.54
C VAL B 53 -13.45 10.69 -7.71
N PHE B 54 -13.20 10.19 -8.93
CA PHE B 54 -13.62 10.84 -10.17
C PHE B 54 -14.32 9.85 -11.10
N LYS B 55 -15.02 10.44 -12.07
CA LYS B 55 -15.57 9.76 -13.26
C LYS B 55 -16.47 8.64 -12.74
N LYS B 56 -16.46 7.45 -13.38
CA LYS B 56 -17.39 6.40 -12.96
C LYS B 56 -17.10 5.94 -11.53
N GLN B 57 -15.83 6.02 -11.11
CA GLN B 57 -15.47 5.70 -9.73
C GLN B 57 -16.30 6.53 -8.75
N ALA B 58 -16.48 7.82 -9.05
CA ALA B 58 -17.28 8.71 -8.21
C ALA B 58 -18.77 8.40 -8.32
N GLU B 59 -19.25 8.03 -9.52
CA GLU B 59 -20.66 7.68 -9.62
C GLU B 59 -20.96 6.41 -8.82
N ASN B 60 -20.17 5.35 -9.03
CA ASN B 60 -20.42 4.09 -8.36
C ASN B 60 -20.30 4.22 -6.85
N VAL B 61 -19.38 5.05 -6.37
CA VAL B 61 -19.36 5.21 -4.93
C VAL B 61 -20.62 5.97 -4.47
N LYS B 62 -21.17 6.86 -5.30
CA LYS B 62 -22.34 7.64 -4.88
C LYS B 62 -23.59 6.79 -4.80
N ASN B 63 -23.77 5.87 -5.74
CA ASN B 63 -25.00 5.11 -5.79
C ASN B 63 -24.95 3.88 -4.90
N TYR B 64 -23.77 3.44 -4.51
CA TYR B 64 -23.61 2.18 -3.81
C TYR B 64 -23.20 2.34 -2.36
N LEU B 65 -22.44 3.38 -2.01
CA LEU B 65 -21.98 3.55 -0.65
C LEU B 65 -22.83 4.56 0.09
N SER B 66 -23.08 4.28 1.37
CA SER B 66 -23.83 5.15 2.25
C SER B 66 -23.11 5.21 3.59
N LYS B 67 -23.63 6.05 4.50
CA LYS B 67 -23.08 6.18 5.85
C LYS B 67 -22.91 4.82 6.50
N GLY B 68 -21.68 4.51 6.91
CA GLY B 68 -21.36 3.28 7.59
C GLY B 68 -20.88 2.15 6.72
N SER B 69 -20.96 2.28 5.40
CA SER B 69 -20.58 1.19 4.50
C SER B 69 -19.10 0.83 4.65
N LEU B 70 -18.80 -0.47 4.71
CA LEU B 70 -17.42 -0.94 4.79
C LEU B 70 -16.81 -0.92 3.40
N ALA B 71 -15.70 -0.19 3.25
CA ALA B 71 -15.11 0.01 1.93
C ALA B 71 -13.59 -0.05 2.00
N GLY B 72 -13.00 -0.54 0.92
CA GLY B 72 -11.55 -0.56 0.75
C GLY B 72 -11.19 0.44 -0.33
N VAL B 73 -10.08 1.15 -0.12
CA VAL B 73 -9.69 2.26 -0.98
C VAL B 73 -8.23 2.05 -1.37
N ASP B 74 -7.93 2.24 -2.65
CA ASP B 74 -6.60 2.05 -3.20
C ASP B 74 -6.30 3.31 -4.01
N GLY B 75 -5.25 4.02 -3.65
CA GLY B 75 -4.98 5.28 -4.30
C GLY B 75 -3.68 5.92 -3.87
N ARG B 76 -3.59 7.22 -4.09
CA ARG B 76 -2.38 8.00 -3.81
C ARG B 76 -2.72 9.13 -2.85
N LEU B 77 -1.69 9.60 -2.15
CA LEU B 77 -1.82 10.68 -1.18
C LEU B 77 -1.44 11.99 -1.86
N GLN B 78 -2.37 12.94 -1.90
CA GLN B 78 -2.15 14.22 -2.58
C GLN B 78 -2.40 15.38 -1.63
N THR B 79 -1.61 16.45 -1.80
CA THR B 79 -1.65 17.62 -0.92
C THR B 79 -2.04 18.86 -1.72
N ARG B 80 -2.85 19.71 -1.09
CA ARG B 80 -3.26 21.00 -1.63
C ARG B 80 -3.12 22.02 -0.51
N ASN B 81 -3.42 23.27 -0.84
CA ASN B 81 -3.38 24.36 0.13
C ASN B 81 -4.16 25.51 -0.48
N TYR B 82 -5.00 26.14 0.33
CA TYR B 82 -5.81 27.24 -0.15
C TYR B 82 -5.99 28.24 0.98
N GLU B 83 -6.74 29.29 0.68
CA GLU B 83 -7.03 30.38 1.60
C GLU B 83 -8.55 30.50 1.70
N ASN B 84 -9.13 30.03 2.82
CA ASN B 84 -10.59 29.96 2.90
C ASN B 84 -11.23 31.27 3.34
N LYS B 85 -12.49 31.20 3.81
CA LYS B 85 -13.24 32.44 4.07
C LYS B 85 -12.61 33.28 5.18
N ASP B 86 -12.53 32.77 6.41
CA ASP B 86 -11.94 33.57 7.51
C ASP B 86 -10.59 34.19 7.18
N GLY B 87 -10.02 33.81 6.03
CA GLY B 87 -8.69 34.26 5.64
C GLY B 87 -7.46 33.43 6.04
N GLN B 88 -7.54 32.09 6.03
CA GLN B 88 -6.50 31.23 6.60
C GLN B 88 -5.76 30.56 5.47
N ARG B 89 -4.49 30.26 5.67
CA ARG B 89 -3.82 29.30 4.82
C ARG B 89 -4.14 27.93 5.41
N VAL B 90 -4.85 27.09 4.65
CA VAL B 90 -5.27 25.75 5.05
C VAL B 90 -4.56 24.71 4.19
N PHE B 91 -3.90 23.72 4.82
CA PHE B 91 -3.12 22.70 4.13
C PHE B 91 -3.89 21.37 4.18
N VAL B 92 -4.37 20.91 3.04
CA VAL B 92 -5.18 19.69 3.00
C VAL B 92 -4.37 18.63 2.29
N THR B 93 -4.39 17.43 2.86
CA THR B 93 -3.83 16.25 2.24
C THR B 93 -4.92 15.20 2.29
N GLU B 94 -5.11 14.50 1.18
CA GLU B 94 -6.27 13.62 1.03
C GLU B 94 -5.88 12.48 0.11
N VAL B 95 -6.70 11.44 0.08
CA VAL B 95 -6.43 10.25 -0.69
C VAL B 95 -7.20 10.34 -2.00
N VAL B 96 -6.49 10.27 -3.13
CA VAL B 96 -7.15 10.18 -4.43
C VAL B 96 -7.21 8.72 -4.84
N ALA B 97 -8.43 8.18 -4.89
CA ALA B 97 -8.64 6.74 -5.01
C ALA B 97 -8.53 6.30 -6.46
N ASP B 98 -7.67 5.31 -6.70
CA ASP B 98 -7.66 4.65 -7.99
C ASP B 98 -8.76 3.60 -8.10
N SER B 99 -9.16 2.95 -6.99
CA SER B 99 -10.26 1.98 -7.03
C SER B 99 -10.87 1.89 -5.63
N VAL B 100 -12.20 1.93 -5.58
CA VAL B 100 -12.94 1.75 -4.33
C VAL B 100 -13.62 0.40 -4.42
N GLN B 101 -13.55 -0.37 -3.36
CA GLN B 101 -14.06 -1.72 -3.35
C GLN B 101 -15.15 -1.78 -2.31
N PHE B 102 -16.36 -2.11 -2.75
CA PHE B 102 -17.51 -2.22 -1.85
C PHE B 102 -17.41 -3.58 -1.17
N LEU B 103 -17.17 -3.56 0.14
CA LEU B 103 -16.90 -4.77 0.90
C LEU B 103 -18.16 -5.34 1.58
N GLU B 104 -19.32 -4.72 1.36
CA GLU B 104 -20.57 -5.19 1.92
C GLU B 104 -21.57 -5.38 0.82
N MET C 1 -8.50 -1.72 11.84
CA MET C 1 -8.69 -1.62 10.39
C MET C 1 -7.37 -1.28 9.63
N LEU C 2 -7.30 -1.70 8.37
CA LEU C 2 -6.08 -1.60 7.56
C LEU C 2 -5.77 -0.15 7.18
N ASN C 3 -4.51 0.23 7.32
CA ASN C 3 -4.07 1.59 7.02
C ASN C 3 -2.61 1.51 6.60
N ARG C 4 -2.32 1.75 5.32
CA ARG C 4 -0.96 1.58 4.87
C ARG C 4 -0.56 2.68 3.91
N VAL C 5 0.67 3.19 4.08
CA VAL C 5 1.20 4.29 3.26
C VAL C 5 2.65 3.98 2.90
N VAL C 6 2.98 4.05 1.61
CA VAL C 6 4.35 3.89 1.12
C VAL C 6 4.73 5.05 0.21
N LEU C 7 5.85 5.71 0.51
CA LEU C 7 6.33 6.82 -0.30
C LEU C 7 7.83 6.73 -0.55
N VAL C 8 8.27 7.21 -1.72
CA VAL C 8 9.67 7.56 -1.95
C VAL C 8 9.71 9.01 -2.40
N GLY C 9 10.56 9.81 -1.76
CA GLY C 9 10.70 11.22 -2.09
C GLY C 9 11.96 11.79 -1.48
N ARG C 10 12.10 13.12 -1.57
CA ARG C 10 13.26 13.81 -1.03
C ARG C 10 12.81 14.77 0.05
N LEU C 11 13.59 14.85 1.13
CA LEU C 11 13.27 15.76 2.20
C LEU C 11 13.39 17.21 1.75
N THR C 12 12.40 18.02 2.09
CA THR C 12 12.48 19.43 1.75
C THR C 12 13.51 20.15 2.62
N LYS C 13 13.64 19.75 3.87
CA LYS C 13 14.57 20.40 4.79
C LYS C 13 15.25 19.32 5.60
N ASP C 14 16.16 19.73 6.47
CA ASP C 14 16.79 18.80 7.38
C ASP C 14 15.73 18.38 8.41
N PRO C 15 15.81 17.16 8.91
CA PRO C 15 14.76 16.69 9.82
C PRO C 15 14.91 17.32 11.19
N GLU C 16 13.79 17.45 11.86
CA GLU C 16 13.67 18.01 13.20
C GLU C 16 13.27 16.94 14.20
N LEU C 17 13.76 17.10 15.44
CA LEU C 17 13.42 16.25 16.57
C LEU C 17 12.61 17.04 17.57
N ARG C 18 11.70 16.37 18.27
CA ARG C 18 10.57 17.20 18.65
C ARG C 18 9.70 16.43 19.66
N SER C 19 9.25 17.08 20.72
CA SER C 19 8.51 16.26 21.70
C SER C 19 7.53 17.06 22.61
N VAL C 24 7.42 10.27 23.89
CA VAL C 24 7.13 11.69 23.87
C VAL C 24 7.94 12.32 22.74
N ASN C 25 9.16 11.80 22.52
CA ASN C 25 10.08 12.42 21.59
C ASN C 25 9.85 11.93 20.16
N VAL C 26 9.69 12.88 19.23
CA VAL C 26 9.28 12.61 17.85
C VAL C 26 10.26 13.22 16.83
N GLY C 27 10.58 12.45 15.78
CA GLY C 27 11.35 12.98 14.66
C GLY C 27 10.39 13.29 13.53
N THR C 28 10.65 14.42 12.82
CA THR C 28 9.77 14.96 11.78
C THR C 28 10.47 15.54 10.57
N PHE C 29 9.88 15.27 9.39
CA PHE C 29 10.31 15.87 8.13
C PHE C 29 9.18 15.83 7.12
N THR C 30 9.35 16.52 6.00
CA THR C 30 8.34 16.57 4.94
C THR C 30 8.94 16.05 3.64
N LEU C 31 8.20 15.20 2.94
CA LEU C 31 8.70 14.46 1.79
C LEU C 31 8.03 14.96 0.53
N ALA C 32 8.84 15.31 -0.48
CA ALA C 32 8.34 15.77 -1.77
C ALA C 32 8.29 14.59 -2.70
N VAL C 33 7.10 14.17 -3.06
CA VAL C 33 6.91 12.94 -3.81
C VAL C 33 6.47 13.38 -5.19
N ASN C 34 7.38 13.38 -6.17
CA ASN C 34 6.97 13.84 -7.49
C ASN C 34 5.90 12.90 -8.01
N ARG C 35 4.95 13.48 -8.73
CA ARG C 35 3.95 12.68 -9.37
C ARG C 35 4.61 12.00 -10.56
N THR C 36 3.96 10.99 -11.07
CA THR C 36 4.59 10.23 -12.12
C THR C 36 4.28 10.77 -13.52
N PHE C 37 3.37 11.75 -13.62
CA PHE C 37 2.97 12.36 -14.88
C PHE C 37 3.23 13.87 -14.90
N THR C 38 3.07 14.47 -16.09
CA THR C 38 3.33 15.90 -16.35
C THR C 38 2.21 16.45 -17.24
N ASN C 39 2.18 17.76 -17.42
CA ASN C 39 1.28 18.33 -18.41
C ASN C 39 1.99 18.37 -19.75
N ALA C 40 1.34 18.95 -20.78
CA ALA C 40 1.89 18.97 -22.14
C ALA C 40 3.23 19.69 -22.25
N GLN C 41 3.64 20.45 -21.23
CA GLN C 41 4.88 21.21 -21.23
C GLN C 41 5.90 20.62 -20.28
N GLY C 42 5.62 19.44 -19.73
CA GLY C 42 6.54 18.72 -18.91
C GLY C 42 6.60 19.23 -17.50
N GLU C 43 5.65 20.07 -17.10
CA GLU C 43 5.62 20.60 -15.73
C GLU C 43 5.15 19.49 -14.80
N ARG C 44 5.97 19.15 -13.82
CA ARG C 44 5.71 18.02 -12.92
C ARG C 44 5.42 18.54 -11.51
N GLU C 45 4.25 18.21 -10.98
CA GLU C 45 3.87 18.66 -9.64
C GLU C 45 4.27 17.64 -8.59
N ALA C 46 4.32 18.12 -7.35
CA ALA C 46 4.73 17.30 -6.24
C ALA C 46 3.74 17.43 -5.08
N ASP C 47 3.88 16.53 -4.13
CA ASP C 47 3.07 16.52 -2.92
C ASP C 47 3.99 16.56 -1.72
N PHE C 48 3.61 17.32 -0.71
CA PHE C 48 4.52 17.63 0.39
C PHE C 48 3.91 16.99 1.64
N ILE C 49 4.47 15.86 2.03
CA ILE C 49 3.85 14.93 2.96
C ILE C 49 4.63 14.94 4.26
N ASN C 50 3.97 15.28 5.36
CA ASN C 50 4.60 15.32 6.66
C ASN C 50 4.70 13.92 7.21
N VAL C 51 5.88 13.59 7.72
CA VAL C 51 6.15 12.27 8.25
C VAL C 51 6.67 12.44 9.65
N VAL C 52 6.29 11.53 10.54
CA VAL C 52 6.72 11.53 11.94
C VAL C 52 7.32 10.16 12.25
N VAL C 53 8.46 10.14 12.94
CA VAL C 53 9.09 8.91 13.40
C VAL C 53 9.35 8.97 14.89
N PHE C 54 9.47 7.79 15.50
CA PHE C 54 9.66 7.69 16.94
C PHE C 54 10.87 6.83 17.23
N LYS C 55 11.41 7.00 18.44
CA LYS C 55 12.44 6.13 18.98
C LYS C 55 13.59 5.96 18.02
N LYS C 56 14.09 4.75 17.90
CA LYS C 56 15.28 4.53 17.09
C LYS C 56 15.03 4.89 15.63
N GLN C 57 13.80 4.69 15.16
CA GLN C 57 13.45 5.16 13.83
C GLN C 57 13.64 6.66 13.76
N ALA C 58 13.32 7.39 14.83
CA ALA C 58 13.55 8.83 14.84
C ALA C 58 15.03 9.12 14.85
N GLU C 59 15.79 8.32 15.59
CA GLU C 59 17.24 8.47 15.60
C GLU C 59 17.85 8.17 14.24
N ASN C 60 17.40 7.11 13.56
CA ASN C 60 17.97 6.79 12.25
C ASN C 60 17.77 7.94 11.26
N VAL C 61 16.59 8.57 11.29
CA VAL C 61 16.33 9.68 10.39
C VAL C 61 17.22 10.88 10.72
N LYS C 62 17.57 11.07 12.00
CA LYS C 62 18.36 12.24 12.39
C LYS C 62 19.81 12.12 11.94
N ASN C 63 20.38 10.90 11.98
CA ASN C 63 21.78 10.66 11.68
C ASN C 63 22.05 10.42 10.20
N TYR C 64 21.03 10.08 9.42
CA TYR C 64 21.25 9.74 8.03
C TYR C 64 20.72 10.77 7.05
N LEU C 65 19.59 11.41 7.36
CA LEU C 65 18.86 12.19 6.38
C LEU C 65 19.16 13.67 6.55
N SER C 66 19.28 14.37 5.42
CA SER C 66 19.45 15.83 5.37
C SER C 66 18.60 16.39 4.23
N LYS C 67 18.57 17.72 4.12
CA LYS C 67 17.85 18.35 3.02
C LYS C 67 18.23 17.71 1.70
N GLY C 68 17.23 17.22 0.96
CA GLY C 68 17.50 16.68 -0.36
C GLY C 68 17.69 15.19 -0.42
N SER C 69 17.80 14.50 0.72
CA SER C 69 18.01 13.06 0.70
C SER C 69 16.80 12.31 0.14
N LEU C 70 17.06 11.33 -0.71
CA LEU C 70 16.00 10.46 -1.19
C LEU C 70 15.73 9.39 -0.14
N ALA C 71 14.46 9.26 0.26
CA ALA C 71 14.13 8.37 1.36
C ALA C 71 12.88 7.55 1.05
N GLY C 72 12.83 6.35 1.60
CA GLY C 72 11.66 5.48 1.51
C GLY C 72 10.96 5.44 2.85
N VAL C 73 9.63 5.46 2.82
CA VAL C 73 8.81 5.63 4.01
C VAL C 73 7.67 4.62 3.97
N ASP C 74 7.44 3.93 5.08
CA ASP C 74 6.41 2.92 5.20
C ASP C 74 5.68 3.11 6.52
N GLY C 75 4.36 3.30 6.48
CA GLY C 75 3.65 3.57 7.72
C GLY C 75 2.15 3.62 7.60
N ARG C 76 1.56 4.31 8.57
CA ARG C 76 0.13 4.49 8.78
C ARG C 76 -0.23 5.95 8.55
N LEU C 77 -1.48 6.18 8.20
CA LEU C 77 -2.02 7.53 8.05
C LEU C 77 -2.82 7.86 9.30
N GLN C 78 -2.40 8.90 10.02
CA GLN C 78 -3.07 9.28 11.26
C GLN C 78 -3.49 10.74 11.19
N THR C 79 -4.68 11.04 11.72
CA THR C 79 -5.24 12.39 11.68
C THR C 79 -5.47 12.92 13.10
N ARG C 80 -5.11 14.17 13.31
CA ARG C 80 -5.34 14.86 14.57
C ARG C 80 -5.81 16.28 14.28
N ASN C 81 -5.99 17.06 15.33
CA ASN C 81 -6.68 18.34 15.20
C ASN C 81 -6.36 19.24 16.39
N TYR C 82 -5.95 20.49 16.13
CA TYR C 82 -5.60 21.40 17.22
C TYR C 82 -6.05 22.83 16.87
N GLU C 83 -5.78 23.75 17.78
CA GLU C 83 -6.05 25.16 17.57
C GLU C 83 -4.76 25.93 17.81
N ASN C 84 -4.62 27.09 17.18
CA ASN C 84 -3.33 27.77 17.22
C ASN C 84 -3.46 29.16 17.83
N LYS C 85 -2.45 30.02 17.58
CA LYS C 85 -2.41 31.34 18.19
C LYS C 85 -3.60 32.19 17.74
N ASP C 86 -3.73 32.38 16.42
CA ASP C 86 -4.80 33.22 15.89
C ASP C 86 -6.21 32.75 16.28
N GLY C 87 -6.35 31.58 16.90
CA GLY C 87 -7.65 31.05 17.21
C GLY C 87 -8.29 30.20 16.14
N GLN C 88 -7.49 29.53 15.30
CA GLN C 88 -8.01 28.79 14.16
C GLN C 88 -7.84 27.30 14.39
N ARG C 89 -8.78 26.53 13.89
CA ARG C 89 -8.64 25.08 13.93
C ARG C 89 -7.92 24.58 12.67
N VAL C 90 -6.92 23.73 12.88
CA VAL C 90 -6.11 23.13 11.82
C VAL C 90 -6.34 21.62 11.77
N PHE C 91 -6.51 21.08 10.56
CA PHE C 91 -6.74 19.65 10.36
C PHE C 91 -5.46 19.00 9.85
N VAL C 92 -4.92 18.08 10.63
CA VAL C 92 -3.61 17.48 10.36
C VAL C 92 -3.82 16.04 9.92
N THR C 93 -3.15 15.66 8.82
CA THR C 93 -3.02 14.30 8.33
C THR C 93 -1.53 14.08 8.09
N GLU C 94 -1.00 12.94 8.53
CA GLU C 94 0.43 12.67 8.47
C GLU C 94 0.70 11.19 8.34
N VAL C 95 1.92 10.88 7.94
CA VAL C 95 2.37 9.51 7.86
C VAL C 95 3.22 9.28 9.11
N VAL C 96 2.83 8.31 9.91
CA VAL C 96 3.63 7.87 11.03
C VAL C 96 4.41 6.66 10.57
N ALA C 97 5.73 6.80 10.48
CA ALA C 97 6.54 5.83 9.74
C ALA C 97 6.87 4.64 10.62
N ASP C 98 6.43 3.46 10.18
CA ASP C 98 6.77 2.19 10.78
C ASP C 98 8.17 1.72 10.35
N SER C 99 8.66 2.14 9.17
CA SER C 99 10.02 1.87 8.73
C SER C 99 10.41 2.89 7.67
N VAL C 100 11.58 3.52 7.84
CA VAL C 100 12.12 4.49 6.89
C VAL C 100 13.39 3.95 6.29
N GLN C 101 13.50 4.08 4.97
CA GLN C 101 14.55 3.45 4.18
C GLN C 101 15.40 4.50 3.46
N PHE C 102 16.68 4.54 3.80
CA PHE C 102 17.60 5.48 3.20
C PHE C 102 18.05 4.85 1.88
N LEU C 103 17.65 5.45 0.78
CA LEU C 103 17.85 4.83 -0.52
C LEU C 103 19.14 5.28 -1.20
N GLU C 104 20.03 5.95 -0.47
CA GLU C 104 21.28 6.43 -1.04
C GLU C 104 22.48 5.90 -0.25
N PRO C 105 23.46 5.25 -0.93
CA PRO C 105 24.77 4.78 -0.39
C PRO C 105 25.48 5.81 0.50
N MET D 1 -11.80 -6.88 -4.69
CA MET D 1 -11.10 -6.74 -3.42
C MET D 1 -9.66 -6.24 -3.60
N LEU D 2 -9.10 -5.67 -2.54
CA LEU D 2 -7.81 -5.00 -2.64
C LEU D 2 -6.66 -5.99 -2.85
N ASN D 3 -5.74 -5.59 -3.73
CA ASN D 3 -4.54 -6.35 -4.08
C ASN D 3 -3.52 -5.30 -4.46
N ARG D 4 -2.64 -4.96 -3.52
CA ARG D 4 -1.61 -3.96 -3.78
C ARG D 4 -0.29 -4.46 -3.24
N VAL D 5 0.77 -4.35 -4.04
CA VAL D 5 2.13 -4.72 -3.64
C VAL D 5 3.06 -3.57 -4.01
N VAL D 6 3.93 -3.19 -3.08
CA VAL D 6 4.90 -2.12 -3.32
C VAL D 6 6.27 -2.59 -2.83
N LEU D 7 7.26 -2.50 -3.69
CA LEU D 7 8.58 -2.96 -3.38
C LEU D 7 9.60 -1.99 -3.94
N VAL D 8 10.81 -2.13 -3.40
CA VAL D 8 12.02 -1.56 -3.97
C VAL D 8 13.10 -2.62 -3.81
N GLY D 9 13.86 -2.85 -4.88
CA GLY D 9 14.99 -3.76 -4.86
C GLY D 9 15.85 -3.50 -6.07
N ARG D 10 16.51 -4.55 -6.57
CA ARG D 10 17.43 -4.46 -7.69
C ARG D 10 17.28 -5.66 -8.61
N LEU D 11 17.35 -5.41 -9.91
CA LEU D 11 17.18 -6.49 -10.88
C LEU D 11 18.35 -7.45 -10.79
N THR D 12 18.04 -8.74 -10.89
CA THR D 12 19.13 -9.70 -10.80
C THR D 12 19.85 -9.87 -12.14
N LYS D 13 19.17 -9.60 -13.25
CA LYS D 13 19.74 -9.60 -14.60
C LYS D 13 19.17 -8.40 -15.34
N ASP D 14 19.46 -8.30 -16.63
CA ASP D 14 18.76 -7.30 -17.42
C ASP D 14 17.34 -7.75 -17.67
N PRO D 15 16.41 -6.82 -17.77
CA PRO D 15 15.02 -7.22 -18.06
C PRO D 15 14.96 -7.88 -19.43
N GLU D 16 14.03 -8.80 -19.58
CA GLU D 16 13.88 -9.49 -20.85
C GLU D 16 12.65 -8.97 -21.59
N LEU D 17 12.66 -9.15 -22.92
CA LEU D 17 11.50 -8.93 -23.78
C LEU D 17 10.84 -10.26 -24.14
N ARG D 18 9.60 -10.17 -24.62
CA ARG D 18 8.77 -11.32 -24.96
C ARG D 18 7.38 -10.82 -25.36
N SER D 19 6.60 -11.64 -26.05
CA SER D 19 5.21 -11.28 -26.33
C SER D 19 4.33 -12.51 -26.25
N THR D 20 3.04 -12.27 -26.08
CA THR D 20 2.04 -13.30 -25.79
C THR D 20 1.63 -14.01 -27.09
N PRO D 21 0.68 -14.95 -27.05
CA PRO D 21 0.13 -15.48 -28.32
C PRO D 21 -0.54 -14.41 -29.17
N ASN D 22 -1.15 -13.40 -28.56
CA ASN D 22 -1.83 -12.32 -29.28
C ASN D 22 -0.95 -11.09 -29.47
N GLY D 23 0.38 -11.26 -29.46
CA GLY D 23 1.31 -10.22 -29.84
C GLY D 23 1.49 -9.07 -28.87
N VAL D 24 0.93 -9.13 -27.67
CA VAL D 24 1.11 -8.08 -26.67
C VAL D 24 2.49 -8.25 -26.05
N ASN D 25 3.19 -7.14 -25.85
CA ASN D 25 4.57 -7.20 -25.37
C ASN D 25 4.63 -7.34 -23.86
N VAL D 26 5.58 -8.13 -23.37
CA VAL D 26 5.79 -8.36 -21.94
C VAL D 26 7.26 -8.15 -21.61
N GLY D 27 7.51 -7.42 -20.53
CA GLY D 27 8.86 -7.25 -20.03
C GLY D 27 8.92 -7.88 -18.68
N THR D 28 9.94 -8.68 -18.41
CA THR D 28 10.06 -9.37 -17.14
C THR D 28 11.40 -9.02 -16.51
N PHE D 29 11.42 -9.04 -15.17
CA PHE D 29 12.65 -9.08 -14.42
C PHE D 29 12.31 -9.58 -13.03
N THR D 30 13.33 -10.07 -12.33
CA THR D 30 13.16 -10.51 -10.95
C THR D 30 13.82 -9.48 -10.05
N LEU D 31 13.22 -9.25 -8.89
CA LEU D 31 13.57 -8.10 -8.05
C LEU D 31 14.14 -8.59 -6.74
N ALA D 32 15.35 -8.15 -6.42
CA ALA D 32 16.01 -8.58 -5.20
C ALA D 32 15.72 -7.52 -4.14
N VAL D 33 14.68 -7.77 -3.33
CA VAL D 33 14.30 -6.89 -2.24
C VAL D 33 15.03 -7.33 -0.98
N ASN D 34 15.51 -6.35 -0.22
CA ASN D 34 16.24 -6.58 1.01
C ASN D 34 15.31 -6.62 2.21
N ARG D 35 15.51 -7.63 3.05
CA ARG D 35 14.97 -7.61 4.41
C ARG D 35 15.81 -6.65 5.24
N THR D 36 15.43 -6.47 6.51
CA THR D 36 15.97 -5.33 7.25
C THR D 36 16.60 -5.64 8.63
N GLU D 45 19.94 -11.51 3.52
CA GLU D 45 18.85 -12.39 3.09
C GLU D 45 17.83 -11.59 2.26
N ALA D 46 17.58 -12.01 1.04
CA ALA D 46 16.68 -11.25 0.19
C ALA D 46 15.51 -12.11 -0.24
N ASP D 47 14.49 -11.43 -0.74
CA ASP D 47 13.38 -12.05 -1.43
C ASP D 47 13.55 -11.77 -2.92
N PHE D 48 13.17 -12.74 -3.74
CA PHE D 48 13.42 -12.67 -5.18
C PHE D 48 12.09 -12.79 -5.87
N ILE D 49 11.61 -11.65 -6.34
CA ILE D 49 10.23 -11.46 -6.73
C ILE D 49 10.20 -11.16 -8.21
N ASN D 50 9.46 -11.95 -8.97
CA ASN D 50 9.34 -11.74 -10.39
C ASN D 50 8.33 -10.62 -10.66
N VAL D 51 8.67 -9.71 -11.57
CA VAL D 51 7.76 -8.62 -11.93
C VAL D 51 7.51 -8.63 -13.42
N VAL D 52 6.24 -8.43 -13.79
CA VAL D 52 5.81 -8.37 -15.19
C VAL D 52 5.26 -6.96 -15.45
N VAL D 53 5.59 -6.41 -16.63
CA VAL D 53 5.05 -5.15 -17.13
C VAL D 53 4.50 -5.41 -18.52
N PHE D 54 3.79 -4.44 -19.07
CA PHE D 54 3.07 -4.70 -20.30
C PHE D 54 3.20 -3.55 -21.28
N LYS D 55 2.71 -3.82 -22.48
CA LYS D 55 2.63 -2.89 -23.61
C LYS D 55 3.82 -1.94 -23.61
N LYS D 56 3.56 -0.64 -23.69
CA LYS D 56 4.67 0.28 -23.84
C LYS D 56 5.57 0.26 -22.62
N GLN D 57 4.99 0.07 -21.43
CA GLN D 57 5.81 0.03 -20.22
C GLN D 57 6.90 -1.02 -20.29
N ALA D 58 6.74 -2.07 -21.10
CA ALA D 58 7.85 -3.00 -21.28
C ALA D 58 8.97 -2.33 -22.06
N GLU D 59 8.62 -1.57 -23.09
CA GLU D 59 9.62 -0.76 -23.79
C GLU D 59 10.30 0.21 -22.82
N ASN D 60 9.56 0.73 -21.85
CA ASN D 60 10.14 1.65 -20.88
C ASN D 60 11.19 0.96 -20.04
N VAL D 61 10.81 -0.14 -19.38
CA VAL D 61 11.71 -0.81 -18.44
C VAL D 61 12.96 -1.30 -19.15
N LYS D 62 12.82 -1.83 -20.37
CA LYS D 62 13.97 -2.38 -21.08
C LYS D 62 15.01 -1.31 -21.38
N ASN D 63 14.57 -0.08 -21.64
CA ASN D 63 15.50 1.01 -21.88
C ASN D 63 16.06 1.58 -20.59
N TYR D 64 15.24 1.67 -19.57
CA TYR D 64 15.65 2.45 -18.40
C TYR D 64 16.41 1.63 -17.37
N LEU D 65 16.17 0.31 -17.33
CA LEU D 65 16.67 -0.53 -16.25
C LEU D 65 17.52 -1.68 -16.79
N SER D 66 18.55 -2.04 -16.01
CA SER D 66 19.46 -3.13 -16.33
C SER D 66 19.82 -3.85 -15.04
N LYS D 67 20.65 -4.89 -15.16
CA LYS D 67 21.03 -5.71 -14.02
C LYS D 67 21.62 -4.85 -12.91
N GLY D 68 21.03 -4.93 -11.73
CA GLY D 68 21.51 -4.18 -10.59
C GLY D 68 20.85 -2.84 -10.37
N SER D 69 20.05 -2.36 -11.31
CA SER D 69 19.46 -1.03 -11.13
C SER D 69 18.42 -1.04 -10.01
N LEU D 70 18.35 0.06 -9.27
CA LEU D 70 17.40 0.19 -8.17
C LEU D 70 16.06 0.67 -8.71
N ALA D 71 15.07 -0.21 -8.74
CA ALA D 71 13.72 0.12 -9.19
C ALA D 71 12.71 -0.06 -8.08
N GLY D 72 11.69 0.80 -8.07
CA GLY D 72 10.51 0.59 -7.27
C GLY D 72 9.36 0.13 -8.15
N VAL D 73 8.57 -0.80 -7.63
CA VAL D 73 7.47 -1.42 -8.35
C VAL D 73 6.19 -1.19 -7.55
N ASP D 74 5.07 -1.06 -8.26
CA ASP D 74 3.80 -0.72 -7.66
C ASP D 74 2.76 -1.46 -8.48
N GLY D 75 2.02 -2.38 -7.86
CA GLY D 75 1.04 -3.13 -8.64
C GLY D 75 0.29 -4.20 -7.87
N ARG D 76 -0.32 -5.09 -8.64
CA ARG D 76 -1.11 -6.22 -8.19
C ARG D 76 -0.22 -7.46 -8.06
N LEU D 77 -0.67 -8.39 -7.23
CA LEU D 77 -0.08 -9.73 -7.17
C LEU D 77 -0.97 -10.71 -7.93
N GLN D 78 -0.36 -11.55 -8.76
CA GLN D 78 -1.11 -12.51 -9.56
C GLN D 78 -0.46 -13.90 -9.52
N THR D 79 -1.31 -14.93 -9.53
CA THR D 79 -0.90 -16.31 -9.61
C THR D 79 -1.18 -16.83 -11.01
N ARG D 80 -0.43 -17.87 -11.39
CA ARG D 80 -0.36 -18.39 -12.74
C ARG D 80 0.08 -19.86 -12.65
N ASN D 81 -0.11 -20.61 -13.74
CA ASN D 81 0.51 -21.94 -13.83
C ASN D 81 1.14 -22.25 -15.19
N VAL D 90 3.34 -26.52 -12.56
CA VAL D 90 4.19 -25.35 -12.48
C VAL D 90 3.41 -24.15 -11.92
N PHE D 91 3.42 -23.97 -10.59
CA PHE D 91 2.84 -22.80 -9.93
C PHE D 91 3.83 -21.63 -9.95
N VAL D 92 3.33 -20.43 -10.26
CA VAL D 92 4.14 -19.22 -10.33
C VAL D 92 3.28 -18.03 -9.92
N THR D 93 3.80 -17.19 -9.03
CA THR D 93 3.13 -15.96 -8.66
C THR D 93 4.06 -14.78 -8.94
N GLU D 94 3.55 -13.75 -9.63
CA GLU D 94 4.33 -12.59 -10.00
C GLU D 94 3.63 -11.30 -9.56
N VAL D 95 4.35 -10.19 -9.71
CA VAL D 95 3.85 -8.85 -9.45
C VAL D 95 3.56 -8.20 -10.79
N VAL D 96 2.28 -8.12 -11.16
CA VAL D 96 1.89 -7.37 -12.35
C VAL D 96 1.96 -5.88 -12.00
N ALA D 97 2.91 -5.16 -12.60
CA ALA D 97 3.26 -3.82 -12.15
C ALA D 97 2.36 -2.77 -12.78
N ASP D 98 1.97 -1.77 -11.99
CA ASP D 98 1.28 -0.60 -12.51
C ASP D 98 2.24 0.51 -12.87
N SER D 99 3.41 0.50 -12.27
CA SER D 99 4.47 1.41 -12.66
C SER D 99 5.76 0.94 -12.04
N VAL D 100 6.80 0.76 -12.83
CA VAL D 100 8.13 0.69 -12.24
C VAL D 100 8.72 2.09 -12.29
N GLN D 101 9.31 2.48 -11.17
CA GLN D 101 9.87 3.81 -11.00
C GLN D 101 11.37 3.65 -10.83
N PHE D 102 12.11 4.24 -11.76
CA PHE D 102 13.56 4.12 -11.85
C PHE D 102 14.19 5.14 -10.90
N LEU D 103 14.82 4.65 -9.83
CA LEU D 103 15.24 5.55 -8.75
C LEU D 103 16.68 6.01 -8.85
N GLU D 104 17.59 5.08 -9.08
CA GLU D 104 18.98 5.42 -9.41
C GLU D 104 19.04 6.14 -10.76
#